data_5JLC
#
_entry.id   5JLC
#
_cell.length_a   237.940
_cell.length_b   237.940
_cell.length_c   237.940
_cell.angle_alpha   90.000
_cell.angle_beta   90.000
_cell.angle_gamma   90.000
#
_symmetry.space_group_name_H-M   'I 4 3 2'
#
loop_
_entity.id
_entity.type
_entity.pdbx_description
1 polymer 'Lanosterol 14-alpha demethylase'
2 non-polymer 'PROTOPORPHYRIN IX CONTAINING FE'
3 non-polymer 2-[(2R)-butan-2-yl]-4-{4-[4-(4-{[(2R,4S)-2-(2,4-dichlorophenyl)-2-(1H-1,2,4-triazol-1-ylmethyl)-1,3-dioxolan-4-yl]methoxy}phenyl)piperazin-1-yl]phenyl}-2,4-dihydro-3H-1,2,4-triazol-3-one
4 non-polymer 'TRIETHYLENE GLYCOL'
5 non-polymer 'PENTAETHYLENE GLYCOL'
6 non-polymer 'CHLORIDE ION'
7 water water
#
_entity_poly.entity_id   1
_entity_poly.type   'polypeptide(L)'
_entity_poly.pdbx_seq_one_letter_code
;LSYFQALPLAQRVSIMVALPFVYTITWQLLYSLRKDRPPLVFYWIPWVGSAIPYGTKPYEFFEDCQKKYGDIFSFMLLGR
IMTVYLGPKGHEFIFNAKLADVSAEAAYSHLTTPVFGKGVIYDCPNHRLMEQKKFVKGALTKEAFVRYVPLIAEEIYKYF
RNSKNFKINENNSGIVDVMVSQPEMTIFTASRSLLGKEMRDKLDTDFAYLYSDLDKGFTPINFVFPNLPLEHYRKRDHAQ
QAISGTYMSLIKERREKNDIQNRDLIDELMKNSTYKDGTKMTDQEIANLLIGVLMGGQHTSAATSAWCLLHLAERPDVQE
ELYQEQMRVLNNDTKELTYDDLQNMPLLNQMIKETLRLHHPLHSLFRKVMRDVAIPNTSYVVPRDYHVLVSPGYTHLQEE
FFPKPNEFNIHRWDGDAASSSAAGGDEVDYGFGAISKGVSSPYLPFGGGRHRCIGELFAYCQLGVLMSIFIRTMKWRYPT
EGETVPPSDFTSMVTLPTAPAKIYWEKRHPEQKYG
;
_entity_poly.pdbx_strand_id   A
#
# COMPACT_ATOMS: atom_id res chain seq x y z
N LEU A 1 -5.93 37.79 38.52
CA LEU A 1 -6.42 36.44 38.82
C LEU A 1 -7.12 36.41 40.18
N SER A 2 -7.04 37.51 40.91
CA SER A 2 -7.93 37.70 42.05
C SER A 2 -9.32 38.12 41.58
N TYR A 3 -9.38 38.74 40.41
CA TYR A 3 -10.64 39.08 39.76
C TYR A 3 -11.36 37.83 39.25
N PHE A 4 -10.59 36.81 38.87
CA PHE A 4 -11.15 35.58 38.30
C PHE A 4 -12.10 34.90 39.28
N GLN A 5 -11.69 34.77 40.55
CA GLN A 5 -12.47 34.04 41.53
C GLN A 5 -13.82 34.71 41.82
N ALA A 6 -13.99 35.99 41.50
CA ALA A 6 -15.28 36.63 41.73
C ALA A 6 -16.28 36.35 40.63
N LEU A 7 -15.86 35.77 39.51
CA LEU A 7 -16.76 35.60 38.39
C LEU A 7 -17.73 34.45 38.63
N PRO A 8 -18.91 34.47 38.01
CA PRO A 8 -19.83 33.33 38.10
C PRO A 8 -19.19 32.05 37.60
N LEU A 9 -19.71 30.92 38.06
CA LEU A 9 -19.15 29.61 37.72
C LEU A 9 -19.03 29.42 36.22
N ALA A 10 -20.07 29.77 35.46
CA ALA A 10 -20.07 29.48 34.04
C ALA A 10 -18.96 30.24 33.33
N GLN A 11 -18.67 31.46 33.78
CA GLN A 11 -17.55 32.19 33.19
C GLN A 11 -16.23 31.54 33.55
N ARG A 12 -15.99 31.28 34.83
CA ARG A 12 -14.75 30.61 35.25
C ARG A 12 -14.53 29.30 34.52
N VAL A 13 -15.61 28.59 34.15
CA VAL A 13 -15.48 27.35 33.42
C VAL A 13 -15.07 27.63 31.98
N SER A 14 -15.77 28.57 31.33
CA SER A 14 -15.43 29.03 29.99
C SER A 14 -13.95 29.39 29.88
N ILE A 15 -13.45 30.21 30.80
CA ILE A 15 -12.05 30.60 30.78
C ILE A 15 -11.15 29.37 30.92
N MET A 16 -11.57 28.38 31.69
CA MET A 16 -10.67 27.25 31.92
C MET A 16 -10.66 26.28 30.75
N VAL A 17 -11.77 26.14 30.02
CA VAL A 17 -11.69 25.35 28.81
C VAL A 17 -11.00 26.14 27.69
N ALA A 18 -11.14 27.47 27.70
CA ALA A 18 -10.48 28.28 26.69
C ALA A 18 -8.95 28.29 26.86
N LEU A 19 -8.46 28.06 28.07
CA LEU A 19 -7.01 28.23 28.31
C LEU A 19 -6.15 27.37 27.40
N PRO A 20 -6.39 26.06 27.24
CA PRO A 20 -5.56 25.29 26.29
C PRO A 20 -5.56 25.87 24.88
N PHE A 21 -6.72 26.30 24.38
CA PHE A 21 -6.76 26.88 23.04
C PHE A 21 -5.91 28.14 22.97
N VAL A 22 -5.98 29.01 23.99
CA VAL A 22 -5.14 30.21 23.99
C VAL A 22 -3.66 29.84 24.06
N TYR A 23 -3.33 28.84 24.87
CA TYR A 23 -1.92 28.44 25.00
C TYR A 23 -1.36 27.90 23.67
N THR A 24 -2.11 27.06 22.96
CA THR A 24 -1.60 26.58 21.68
C THR A 24 -1.60 27.68 20.62
N ILE A 25 -2.59 28.58 20.62
CA ILE A 25 -2.53 29.72 19.69
C ILE A 25 -1.32 30.59 20.01
N THR A 26 -1.05 30.82 21.28
CA THR A 26 0.10 31.63 21.65
C THR A 26 1.39 30.94 21.23
N TRP A 27 1.45 29.62 21.41
CA TRP A 27 2.66 28.88 21.07
C TRP A 27 2.90 28.87 19.55
N GLN A 28 1.82 28.84 18.76
CA GLN A 28 1.94 28.94 17.31
C GLN A 28 2.37 30.33 16.86
N LEU A 29 1.95 31.38 17.57
CA LEU A 29 2.40 32.73 17.22
C LEU A 29 3.88 32.89 17.54
N LEU A 30 4.32 32.38 18.68
CA LEU A 30 5.75 32.39 18.99
C LEU A 30 6.54 31.51 18.02
N TYR A 31 5.96 30.39 17.56
CA TYR A 31 6.67 29.50 16.65
C TYR A 31 6.96 30.17 15.32
N SER A 32 5.99 30.95 14.80
CA SER A 32 6.17 31.57 13.51
C SER A 32 7.29 32.60 13.49
N LEU A 33 7.86 32.92 14.66
CA LEU A 33 8.97 33.87 14.72
C LEU A 33 10.28 33.24 14.29
N ARG A 34 10.38 31.91 14.34
CA ARG A 34 11.60 31.22 13.91
C ARG A 34 11.62 31.15 12.39
N LYS A 35 12.59 31.83 11.79
CA LYS A 35 12.74 31.76 10.34
C LYS A 35 13.49 30.53 9.87
N ASP A 36 14.14 29.81 10.80
CA ASP A 36 14.86 28.59 10.49
C ASP A 36 14.00 27.34 10.65
N ARG A 37 12.67 27.48 10.62
CA ARG A 37 11.74 26.37 10.67
C ARG A 37 10.72 26.54 9.56
N PRO A 38 10.27 25.45 8.93
CA PRO A 38 9.21 25.56 7.95
C PRO A 38 7.97 26.19 8.59
N PRO A 39 7.12 26.84 7.78
CA PRO A 39 5.84 27.32 8.34
C PRO A 39 5.02 26.17 8.91
N LEU A 40 4.45 26.41 10.09
CA LEU A 40 3.57 25.44 10.73
C LEU A 40 2.13 25.80 10.37
N VAL A 41 1.40 24.88 9.73
CA VAL A 41 0.02 25.16 9.38
C VAL A 41 -0.77 25.48 10.66
N PHE A 42 -1.60 26.51 10.58
CA PHE A 42 -2.35 26.95 11.74
C PHE A 42 -3.47 25.96 12.09
N TYR A 43 -3.66 25.71 13.39
CA TYR A 43 -4.68 24.77 13.85
C TYR A 43 -5.28 25.27 15.17
N TRP A 44 -6.57 25.02 15.34
CA TRP A 44 -7.38 25.43 16.50
C TRP A 44 -7.32 24.47 17.67
N ILE A 45 -7.32 23.17 17.41
CA ILE A 45 -7.61 22.16 18.43
C ILE A 45 -6.30 21.68 19.01
N PRO A 46 -6.05 21.87 20.31
CA PRO A 46 -4.81 21.38 20.91
C PRO A 46 -4.59 19.89 20.68
N TRP A 47 -3.36 19.53 20.34
CA TRP A 47 -2.90 18.15 20.18
C TRP A 47 -3.43 17.48 18.92
N VAL A 48 -4.74 17.55 18.67
CA VAL A 48 -5.28 16.97 17.45
C VAL A 48 -4.57 17.55 16.22
N GLY A 49 -4.39 18.88 16.20
CA GLY A 49 -3.68 19.51 15.12
C GLY A 49 -4.55 19.62 13.88
N SER A 50 -3.97 19.30 12.72
CA SER A 50 -4.72 19.33 11.47
C SER A 50 -5.24 17.93 11.09
N ALA A 51 -5.42 17.03 12.06
CA ALA A 51 -5.81 15.66 11.75
C ALA A 51 -7.06 15.58 10.89
N ILE A 52 -8.04 16.45 11.10
CA ILE A 52 -9.31 16.29 10.40
C ILE A 52 -9.16 16.61 8.92
N PRO A 53 -8.71 17.81 8.49
CA PRO A 53 -8.54 18.01 7.04
C PRO A 53 -7.54 17.02 6.43
N TYR A 54 -6.41 16.77 7.10
CA TYR A 54 -5.44 15.83 6.56
C TYR A 54 -5.99 14.41 6.45
N GLY A 55 -6.68 13.95 7.50
CA GLY A 55 -7.21 12.60 7.49
C GLY A 55 -8.33 12.37 6.49
N THR A 56 -9.07 13.41 6.10
CA THR A 56 -10.22 13.19 5.23
C THR A 56 -9.99 13.60 3.77
N LYS A 57 -9.11 14.56 3.49
CA LYS A 57 -8.78 14.92 2.10
C LYS A 57 -7.32 15.36 2.04
N PRO A 58 -6.39 14.42 2.22
CA PRO A 58 -4.97 14.81 2.32
C PRO A 58 -4.45 15.57 1.12
N TYR A 59 -4.83 15.21 -0.11
CA TYR A 59 -4.31 15.91 -1.27
C TYR A 59 -4.86 17.32 -1.36
N GLU A 60 -6.14 17.50 -1.00
CA GLU A 60 -6.71 18.84 -1.02
C GLU A 60 -6.14 19.68 0.11
N PHE A 61 -5.96 19.08 1.28
CA PHE A 61 -5.23 19.74 2.36
C PHE A 61 -3.85 20.19 1.88
N PHE A 62 -3.06 19.28 1.28
CA PHE A 62 -1.73 19.64 0.81
C PHE A 62 -1.79 20.81 -0.18
N GLU A 63 -2.73 20.75 -1.14
CA GLU A 63 -2.82 21.80 -2.15
C GLU A 63 -3.09 23.17 -1.55
N ASP A 64 -4.02 23.26 -0.58
CA ASP A 64 -4.29 24.54 0.07
C ASP A 64 -3.10 25.00 0.90
N CYS A 65 -2.40 24.08 1.57
CA CYS A 65 -1.19 24.46 2.27
C CYS A 65 -0.13 24.96 1.29
N GLN A 66 -0.03 24.29 0.13
CA GLN A 66 0.99 24.67 -0.85
C GLN A 66 0.76 26.10 -1.35
N LYS A 67 -0.49 26.44 -1.69
CA LYS A 67 -0.80 27.78 -2.17
C LYS A 67 -0.40 28.83 -1.14
N LYS A 68 -0.47 28.49 0.14
CA LYS A 68 -0.25 29.48 1.18
C LYS A 68 1.18 29.49 1.69
N TYR A 69 1.84 28.34 1.81
CA TYR A 69 3.16 28.30 2.43
C TYR A 69 4.29 27.87 1.50
N GLY A 70 4.00 27.43 0.28
CA GLY A 70 5.03 26.84 -0.55
C GLY A 70 5.08 25.33 -0.43
N ASP A 71 6.15 24.77 -1.01
CA ASP A 71 6.29 23.32 -1.10
C ASP A 71 6.66 22.65 0.21
N ILE A 72 7.21 23.38 1.17
CA ILE A 72 7.68 22.81 2.43
C ILE A 72 6.89 23.45 3.56
N PHE A 73 6.16 22.63 4.31
CA PHE A 73 5.39 23.16 5.43
C PHE A 73 5.19 22.05 6.45
N SER A 74 5.04 22.42 7.71
CA SER A 74 4.82 21.49 8.81
C SER A 74 3.35 21.52 9.23
N PHE A 75 2.89 20.40 9.78
CA PHE A 75 1.59 20.46 10.42
C PHE A 75 1.57 19.53 11.61
N MET A 76 0.72 19.90 12.57
CA MET A 76 0.54 19.15 13.81
C MET A 76 -0.48 18.04 13.56
N LEU A 77 -0.12 16.83 14.01
CA LEU A 77 -0.92 15.62 13.76
C LEU A 77 -0.88 14.74 15.01
N LEU A 78 -1.93 14.79 15.84
CA LEU A 78 -2.04 13.98 17.07
C LEU A 78 -0.74 14.02 17.88
N GLY A 79 -0.35 15.22 18.28
CA GLY A 79 0.85 15.41 19.09
C GLY A 79 2.17 15.24 18.37
N ARG A 80 2.18 15.04 17.07
CA ARG A 80 3.41 14.88 16.33
C ARG A 80 3.46 15.93 15.24
N ILE A 81 4.66 16.45 14.97
CA ILE A 81 4.83 17.43 13.90
C ILE A 81 5.38 16.72 12.66
N MET A 82 4.63 16.82 11.57
CA MET A 82 4.99 16.29 10.27
C MET A 82 5.45 17.42 9.37
N THR A 83 6.62 17.27 8.74
CA THR A 83 7.10 18.24 7.76
C THR A 83 6.96 17.63 6.37
N VAL A 84 6.15 18.27 5.54
CA VAL A 84 5.86 17.83 4.18
C VAL A 84 6.82 18.52 3.24
N TYR A 85 7.33 17.78 2.25
CA TYR A 85 8.09 18.40 1.18
C TYR A 85 7.44 17.91 -0.12
N LEU A 86 6.63 18.78 -0.74
CA LEU A 86 5.88 18.38 -1.92
C LEU A 86 6.77 18.43 -3.16
N GLY A 87 6.42 17.62 -4.16
CA GLY A 87 7.05 17.66 -5.45
C GLY A 87 8.31 16.82 -5.62
N PRO A 88 8.79 16.74 -6.89
CA PRO A 88 10.06 16.07 -7.21
C PRO A 88 11.24 16.37 -6.28
N LYS A 89 11.45 17.65 -5.93
CA LYS A 89 12.51 17.96 -4.97
C LYS A 89 12.26 17.28 -3.63
N GLY A 90 11.01 17.16 -3.21
CA GLY A 90 10.72 16.43 -1.97
C GLY A 90 10.97 14.94 -2.10
N HIS A 91 10.56 14.34 -3.23
CA HIS A 91 10.89 12.95 -3.49
C HIS A 91 12.36 12.72 -3.26
N GLU A 92 13.17 13.61 -3.82
CA GLU A 92 14.62 13.49 -3.73
C GLU A 92 15.13 13.71 -2.29
N PHE A 93 14.58 14.71 -1.59
CA PHE A 93 15.03 14.98 -0.24
C PHE A 93 14.74 13.82 0.70
N ILE A 94 13.57 13.19 0.56
CA ILE A 94 13.13 12.17 1.51
C ILE A 94 13.50 10.76 1.04
N PHE A 95 13.12 10.38 -0.19
CA PHE A 95 13.43 9.03 -0.64
C PHE A 95 14.93 8.80 -0.70
N ASN A 96 15.71 9.83 -1.09
CA ASN A 96 17.16 9.69 -1.17
C ASN A 96 17.89 10.26 0.04
N ALA A 97 17.22 10.41 1.18
CA ALA A 97 17.88 10.95 2.37
C ALA A 97 18.95 9.99 2.89
N LYS A 98 19.90 10.55 3.63
CA LYS A 98 20.95 9.72 4.22
C LYS A 98 20.40 8.99 5.44
N LEU A 99 20.94 7.78 5.69
CA LEU A 99 20.53 7.00 6.85
C LEU A 99 20.73 7.78 8.15
N ALA A 100 21.80 8.57 8.23
CA ALA A 100 22.07 9.35 9.43
C ALA A 100 21.03 10.45 9.68
N ASP A 101 20.31 10.90 8.65
CA ASP A 101 19.36 12.01 8.83
C ASP A 101 17.96 11.55 9.17
N VAL A 102 17.45 10.51 8.52
CA VAL A 102 16.09 10.05 8.71
C VAL A 102 16.05 8.53 8.78
N SER A 103 14.99 7.99 9.37
CA SER A 103 14.85 6.55 9.57
C SER A 103 13.42 6.15 9.24
N ALA A 104 13.25 5.23 8.30
CA ALA A 104 11.94 4.62 8.08
C ALA A 104 11.55 3.69 9.22
N GLU A 105 12.51 2.87 9.71
CA GLU A 105 12.15 1.89 10.74
C GLU A 105 11.72 2.59 12.01
N ALA A 106 12.32 3.72 12.34
CA ALA A 106 11.88 4.50 13.49
C ALA A 106 10.48 5.04 13.30
N ALA A 107 10.04 5.25 12.06
CA ALA A 107 8.69 5.77 11.86
C ALA A 107 7.65 4.66 11.86
N TYR A 108 8.00 3.47 11.37
CA TYR A 108 7.03 2.42 11.08
C TYR A 108 7.00 1.27 12.09
N SER A 109 8.04 1.10 12.92
CA SER A 109 8.20 -0.17 13.63
C SER A 109 7.11 -0.41 14.67
N HIS A 110 6.69 0.62 15.39
CA HIS A 110 5.65 0.40 16.39
C HIS A 110 4.34 -0.05 15.76
N LEU A 111 4.12 0.22 14.48
CA LEU A 111 2.96 -0.28 13.75
C LEU A 111 3.20 -1.68 13.16
N THR A 112 4.37 -1.96 12.58
CA THR A 112 4.53 -3.22 11.85
C THR A 112 5.10 -4.35 12.70
N THR A 113 6.01 -4.07 13.63
CA THR A 113 6.63 -5.13 14.42
C THR A 113 5.63 -6.00 15.19
N PRO A 114 4.54 -5.48 15.79
CA PRO A 114 3.54 -6.39 16.36
C PRO A 114 2.77 -7.18 15.34
N VAL A 115 2.67 -6.73 14.10
CA VAL A 115 1.89 -7.48 13.13
C VAL A 115 2.72 -8.58 12.48
N PHE A 116 3.98 -8.30 12.14
CA PHE A 116 4.80 -9.28 11.46
C PHE A 116 5.59 -10.15 12.44
N GLY A 117 6.04 -9.56 13.54
CA GLY A 117 6.89 -10.23 14.51
C GLY A 117 8.29 -9.64 14.53
N LYS A 118 9.11 -10.16 15.44
CA LYS A 118 10.41 -9.61 15.74
C LYS A 118 11.44 -9.99 14.68
N GLY A 119 12.50 -9.17 14.59
CA GLY A 119 13.71 -9.54 13.89
C GLY A 119 13.76 -9.20 12.42
N VAL A 120 12.66 -8.79 11.79
CA VAL A 120 12.65 -8.59 10.35
C VAL A 120 12.03 -7.24 9.99
N ILE A 121 12.34 -6.79 8.78
CA ILE A 121 11.74 -5.60 8.15
C ILE A 121 12.09 -4.30 8.88
N TYR A 122 11.26 -3.86 9.84
CA TYR A 122 11.57 -2.63 10.57
C TYR A 122 11.99 -2.88 12.01
N ASP A 123 12.19 -4.14 12.39
CA ASP A 123 12.64 -4.48 13.74
C ASP A 123 14.05 -5.01 13.68
N CYS A 124 14.91 -4.29 12.98
CA CYS A 124 16.28 -4.72 12.69
C CYS A 124 16.98 -3.54 12.02
N PRO A 125 18.31 -3.48 12.04
CA PRO A 125 18.99 -2.37 11.38
C PRO A 125 18.72 -2.41 9.89
N ASN A 126 18.88 -1.25 9.25
CA ASN A 126 18.57 -1.10 7.83
C ASN A 126 19.38 -2.04 6.96
N HIS A 127 20.65 -2.30 7.31
CA HIS A 127 21.44 -3.18 6.44
C HIS A 127 20.90 -4.60 6.43
N ARG A 128 20.26 -5.04 7.53
CA ARG A 128 19.58 -6.33 7.53
C ARG A 128 18.33 -6.32 6.62
N LEU A 129 17.56 -5.23 6.66
CA LEU A 129 16.40 -5.11 5.78
C LEU A 129 16.82 -5.14 4.30
N MET A 130 17.96 -4.51 3.97
CA MET A 130 18.43 -4.57 2.58
C MET A 130 18.65 -6.01 2.14
N GLU A 131 19.24 -6.83 3.01
CA GLU A 131 19.48 -8.22 2.66
C GLU A 131 18.21 -9.07 2.72
N GLN A 132 17.29 -8.78 3.64
CA GLN A 132 15.99 -9.44 3.57
C GLN A 132 15.29 -9.13 2.25
N LYS A 133 15.42 -7.90 1.75
CA LYS A 133 14.82 -7.60 0.46
C LYS A 133 15.50 -8.39 -0.65
N LYS A 134 16.82 -8.57 -0.55
CA LYS A 134 17.53 -9.37 -1.53
C LYS A 134 17.08 -10.82 -1.50
N PHE A 135 16.85 -11.39 -0.30
CA PHE A 135 16.36 -12.77 -0.20
C PHE A 135 15.02 -12.92 -0.90
N VAL A 136 14.07 -12.03 -0.59
CA VAL A 136 12.72 -12.12 -1.13
C VAL A 136 12.73 -11.99 -2.65
N LYS A 137 13.61 -11.15 -3.21
CA LYS A 137 13.70 -11.04 -4.66
C LYS A 137 14.09 -12.35 -5.33
N GLY A 138 14.70 -13.26 -4.58
CA GLY A 138 15.04 -14.56 -5.15
C GLY A 138 13.82 -15.34 -5.59
N ALA A 139 12.66 -15.07 -5.00
CA ALA A 139 11.40 -15.66 -5.43
C ALA A 139 10.61 -14.78 -6.39
N LEU A 140 11.19 -13.67 -6.87
CA LEU A 140 10.49 -12.73 -7.74
C LEU A 140 11.25 -12.53 -9.05
N THR A 141 11.76 -13.61 -9.61
CA THR A 141 12.42 -13.60 -10.91
C THR A 141 11.42 -13.89 -12.03
N LYS A 142 11.82 -13.56 -13.26
CA LYS A 142 11.02 -13.91 -14.43
C LYS A 142 10.60 -15.38 -14.38
N GLU A 143 11.56 -16.28 -14.15
CA GLU A 143 11.23 -17.70 -14.05
C GLU A 143 10.20 -17.98 -12.96
N ALA A 144 10.21 -17.21 -11.87
CA ALA A 144 9.19 -17.43 -10.86
C ALA A 144 7.81 -16.97 -11.36
N PHE A 145 7.74 -15.82 -12.03
CA PHE A 145 6.46 -15.36 -12.57
C PHE A 145 5.90 -16.33 -13.60
N VAL A 146 6.77 -16.90 -14.44
CA VAL A 146 6.35 -17.93 -15.40
C VAL A 146 5.59 -19.02 -14.69
N ARG A 147 6.09 -19.45 -13.52
CA ARG A 147 5.39 -20.45 -12.73
C ARG A 147 4.13 -19.88 -12.07
N TYR A 148 4.18 -18.63 -11.59
CA TYR A 148 3.06 -18.11 -10.80
C TYR A 148 1.82 -17.87 -11.66
N VAL A 149 1.99 -17.44 -12.91
CA VAL A 149 0.83 -17.04 -13.72
C VAL A 149 -0.24 -18.11 -13.79
N PRO A 150 0.04 -19.38 -14.15
CA PRO A 150 -1.07 -20.36 -14.19
C PRO A 150 -1.65 -20.62 -12.82
N LEU A 151 -0.85 -20.52 -11.75
CA LEU A 151 -1.40 -20.72 -10.40
C LEU A 151 -2.35 -19.59 -10.01
N ILE A 152 -1.97 -18.35 -10.31
CA ILE A 152 -2.86 -17.21 -10.05
C ILE A 152 -4.15 -17.34 -10.85
N ALA A 153 -4.05 -17.77 -12.11
CA ALA A 153 -5.24 -17.92 -12.96
C ALA A 153 -6.15 -19.02 -12.42
N GLU A 154 -5.55 -20.15 -12.02
CA GLU A 154 -6.34 -21.22 -11.44
C GLU A 154 -7.09 -20.76 -10.20
N GLU A 155 -6.41 -20.02 -9.30
CA GLU A 155 -7.08 -19.49 -8.12
C GLU A 155 -8.26 -18.59 -8.50
N ILE A 156 -8.07 -17.73 -9.50
CA ILE A 156 -9.13 -16.82 -9.90
C ILE A 156 -10.31 -17.59 -10.48
N TYR A 157 -10.05 -18.68 -11.21
CA TYR A 157 -11.16 -19.44 -11.80
C TYR A 157 -11.89 -20.23 -10.73
N LYS A 158 -11.17 -20.82 -9.76
CA LYS A 158 -11.84 -21.42 -8.61
C LYS A 158 -12.71 -20.41 -7.90
N TYR A 159 -12.23 -19.18 -7.73
CA TYR A 159 -13.02 -18.17 -7.03
C TYR A 159 -14.31 -17.86 -7.78
N PHE A 160 -14.22 -17.64 -9.10
CA PHE A 160 -15.41 -17.41 -9.91
C PHE A 160 -16.41 -18.55 -9.73
N ARG A 161 -15.93 -19.79 -9.63
CA ARG A 161 -16.80 -20.95 -9.50
C ARG A 161 -17.40 -21.06 -8.10
N ASN A 162 -16.57 -21.02 -7.07
CA ASN A 162 -16.99 -21.39 -5.73
C ASN A 162 -17.54 -20.23 -4.91
N SER A 163 -17.12 -19.00 -5.18
CA SER A 163 -17.45 -17.90 -4.29
C SER A 163 -18.91 -17.51 -4.44
N LYS A 164 -19.60 -17.34 -3.31
CA LYS A 164 -20.97 -16.80 -3.31
C LYS A 164 -21.05 -15.43 -3.95
N ASN A 165 -19.93 -14.76 -4.17
CA ASN A 165 -20.01 -13.49 -4.86
C ASN A 165 -20.19 -13.67 -6.35
N PHE A 166 -19.97 -14.88 -6.87
CA PHE A 166 -20.05 -15.11 -8.31
C PHE A 166 -20.88 -16.33 -8.67
N LYS A 167 -20.45 -17.52 -8.24
CA LYS A 167 -21.08 -18.78 -8.67
C LYS A 167 -21.29 -18.76 -10.18
N ILE A 168 -20.17 -18.64 -10.90
CA ILE A 168 -20.26 -18.22 -12.29
C ILE A 168 -20.72 -19.36 -13.21
N ASN A 169 -20.66 -20.61 -12.74
CA ASN A 169 -21.16 -21.73 -13.52
C ASN A 169 -22.67 -21.89 -13.39
N GLU A 170 -23.32 -21.07 -12.56
CA GLU A 170 -24.77 -21.08 -12.43
C GLU A 170 -25.45 -19.74 -12.66
N ASN A 171 -24.72 -18.63 -12.64
CA ASN A 171 -25.32 -17.34 -12.96
C ASN A 171 -24.61 -16.73 -14.16
N ASN A 172 -25.39 -16.11 -15.02
CA ASN A 172 -24.84 -15.43 -16.18
C ASN A 172 -24.62 -13.96 -15.94
N SER A 173 -25.13 -13.44 -14.83
CA SER A 173 -24.94 -12.04 -14.48
C SER A 173 -25.13 -11.94 -12.98
N GLY A 174 -24.82 -10.78 -12.44
CA GLY A 174 -24.79 -10.63 -10.99
C GLY A 174 -24.42 -9.21 -10.62
N ILE A 175 -24.56 -8.91 -9.34
CA ILE A 175 -24.00 -7.71 -8.74
C ILE A 175 -23.00 -8.13 -7.68
N VAL A 176 -21.81 -7.52 -7.73
CA VAL A 176 -20.73 -7.89 -6.81
C VAL A 176 -20.19 -6.61 -6.18
N ASP A 177 -19.82 -6.72 -4.91
CA ASP A 177 -19.15 -5.66 -4.18
C ASP A 177 -17.65 -5.88 -4.31
N VAL A 178 -16.99 -5.08 -5.17
CA VAL A 178 -15.54 -5.23 -5.41
C VAL A 178 -14.74 -5.03 -4.13
N MET A 179 -15.30 -4.33 -3.13
CA MET A 179 -14.63 -4.27 -1.84
C MET A 179 -14.78 -5.55 -1.02
N VAL A 180 -15.66 -6.46 -1.42
CA VAL A 180 -15.64 -7.81 -0.87
C VAL A 180 -14.80 -8.74 -1.73
N SER A 181 -14.99 -8.73 -3.06
CA SER A 181 -14.34 -9.72 -3.91
C SER A 181 -12.82 -9.52 -3.99
N GLN A 182 -12.35 -8.26 -4.14
CA GLN A 182 -10.92 -8.09 -4.42
C GLN A 182 -10.01 -8.41 -3.25
N PRO A 183 -10.30 -8.01 -2.01
CA PRO A 183 -9.45 -8.49 -0.91
C PRO A 183 -9.35 -10.00 -0.85
N GLU A 184 -10.45 -10.70 -1.10
CA GLU A 184 -10.43 -12.17 -1.09
C GLU A 184 -9.60 -12.73 -2.23
N MET A 185 -9.83 -12.28 -3.46
CA MET A 185 -9.05 -12.81 -4.57
C MET A 185 -7.57 -12.54 -4.39
N THR A 186 -7.24 -11.38 -3.79
CA THR A 186 -5.84 -11.04 -3.60
C THR A 186 -5.15 -12.01 -2.66
N ILE A 187 -5.80 -12.37 -1.54
CA ILE A 187 -5.14 -13.23 -0.57
C ILE A 187 -5.04 -14.66 -1.10
N PHE A 188 -6.05 -15.12 -1.85
CA PHE A 188 -6.00 -16.45 -2.46
C PHE A 188 -4.87 -16.56 -3.49
N THR A 189 -4.75 -15.57 -4.38
CA THR A 189 -3.71 -15.65 -5.40
C THR A 189 -2.32 -15.47 -4.80
N ALA A 190 -2.17 -14.56 -3.83
CA ALA A 190 -0.85 -14.35 -3.26
C ALA A 190 -0.43 -15.52 -2.37
N SER A 191 -1.37 -16.13 -1.65
CA SER A 191 -1.09 -17.34 -0.88
C SER A 191 -0.60 -18.46 -1.80
N ARG A 192 -1.41 -18.80 -2.80
CA ARG A 192 -1.09 -19.95 -3.61
C ARG A 192 0.25 -19.78 -4.29
N SER A 193 0.57 -18.55 -4.71
CA SER A 193 1.84 -18.45 -5.42
C SER A 193 3.03 -18.22 -4.48
N LEU A 194 2.92 -17.37 -3.46
CA LEU A 194 4.08 -17.11 -2.62
C LEU A 194 4.22 -18.08 -1.43
N LEU A 195 3.12 -18.48 -0.80
CA LEU A 195 3.22 -19.45 0.30
C LEU A 195 3.06 -20.89 -0.16
N GLY A 196 2.36 -21.15 -1.26
CA GLY A 196 2.24 -22.48 -1.82
C GLY A 196 0.91 -23.14 -1.50
N LYS A 197 0.82 -24.41 -1.92
CA LYS A 197 -0.44 -25.15 -1.88
C LYS A 197 -0.91 -25.41 -0.44
N GLU A 198 0.01 -25.86 0.44
CA GLU A 198 -0.38 -26.18 1.81
C GLU A 198 -1.00 -24.96 2.50
N MET A 199 -0.38 -23.79 2.38
CA MET A 199 -0.90 -22.61 3.07
C MET A 199 -2.15 -22.07 2.39
N ARG A 200 -2.24 -22.14 1.07
CA ARG A 200 -3.48 -21.73 0.41
C ARG A 200 -4.66 -22.59 0.90
N ASP A 201 -4.46 -23.91 1.02
CA ASP A 201 -5.55 -24.77 1.50
C ASP A 201 -6.01 -24.40 2.91
N LYS A 202 -5.10 -23.94 3.79
CA LYS A 202 -5.53 -23.56 5.13
C LYS A 202 -6.55 -22.43 5.12
N LEU A 203 -6.59 -21.62 4.06
CA LEU A 203 -7.58 -20.55 3.96
C LEU A 203 -9.00 -21.06 3.74
N ASP A 204 -9.16 -22.34 3.38
CA ASP A 204 -10.49 -22.96 3.34
C ASP A 204 -11.02 -23.39 4.70
N THR A 205 -10.21 -23.29 5.76
CA THR A 205 -10.59 -23.69 7.10
C THR A 205 -10.80 -22.46 7.97
N ASP A 206 -11.11 -22.68 9.25
CA ASP A 206 -11.24 -21.60 10.23
C ASP A 206 -9.93 -20.86 10.46
N PHE A 207 -8.80 -21.43 10.02
CA PHE A 207 -7.52 -20.72 10.07
C PHE A 207 -7.61 -19.35 9.42
N ALA A 208 -8.47 -19.19 8.41
CA ALA A 208 -8.64 -17.91 7.73
C ALA A 208 -8.98 -16.78 8.68
N TYR A 209 -9.69 -17.06 9.78
CA TYR A 209 -10.04 -16.01 10.73
C TYR A 209 -8.80 -15.36 11.33
N LEU A 210 -7.73 -16.14 11.55
CA LEU A 210 -6.50 -15.58 12.07
C LEU A 210 -5.97 -14.46 11.18
N TYR A 211 -6.03 -14.63 9.86
CA TYR A 211 -5.61 -13.56 8.95
C TYR A 211 -6.46 -12.33 9.11
N SER A 212 -7.76 -12.53 9.30
CA SER A 212 -8.66 -11.42 9.57
C SER A 212 -8.27 -10.71 10.86
N ASP A 213 -8.03 -11.47 11.93
CA ASP A 213 -7.55 -10.89 13.18
C ASP A 213 -6.22 -10.16 13.00
N LEU A 214 -5.29 -10.77 12.28
CA LEU A 214 -4.01 -10.12 12.05
C LEU A 214 -4.20 -8.79 11.34
N ASP A 215 -5.10 -8.77 10.35
CA ASP A 215 -5.38 -7.56 9.60
C ASP A 215 -5.93 -6.46 10.51
N LYS A 216 -6.86 -6.81 11.41
CA LYS A 216 -7.43 -5.80 12.29
C LYS A 216 -6.37 -5.12 13.15
N GLY A 217 -5.26 -5.78 13.42
CA GLY A 217 -4.24 -5.06 14.14
C GLY A 217 -3.45 -4.10 13.31
N PHE A 218 -3.79 -3.96 12.03
CA PHE A 218 -2.99 -3.22 11.07
C PHE A 218 -3.78 -2.03 10.55
N THR A 219 -4.16 -1.13 11.46
CA THR A 219 -4.93 0.06 11.17
C THR A 219 -4.09 1.28 11.54
N PRO A 220 -4.35 2.45 10.94
CA PRO A 220 -3.56 3.64 11.30
C PRO A 220 -3.67 4.05 12.77
N ILE A 221 -4.75 3.68 13.47
CA ILE A 221 -4.87 3.98 14.90
C ILE A 221 -3.77 3.29 15.71
N ASN A 222 -3.09 2.31 15.12
CA ASN A 222 -1.89 1.73 15.73
C ASN A 222 -0.65 2.58 15.50
N PHE A 223 -0.71 3.59 14.62
CA PHE A 223 0.39 4.54 14.50
C PHE A 223 0.52 5.38 15.76
N VAL A 224 -0.61 5.78 16.34
CA VAL A 224 -0.62 6.66 17.50
C VAL A 224 -0.51 5.85 18.80
N PHE A 225 -1.37 4.84 18.98
CA PHE A 225 -1.33 3.97 20.17
C PHE A 225 -0.97 2.57 19.71
N PRO A 226 0.31 2.19 19.71
CA PRO A 226 0.68 0.86 19.21
C PRO A 226 0.28 -0.28 20.13
N ASN A 227 -0.01 0.00 21.39
CA ASN A 227 -0.38 -1.05 22.34
C ASN A 227 -1.33 -0.47 23.38
N LEU A 228 -2.57 -0.93 23.36
CA LEU A 228 -3.59 -0.79 24.39
C LEU A 228 -4.03 -2.17 24.84
N PRO A 229 -4.46 -2.34 26.11
CA PRO A 229 -5.00 -3.65 26.52
C PRO A 229 -6.37 -3.92 25.93
N LEU A 230 -6.52 -3.81 24.61
CA LEU A 230 -7.81 -3.95 23.94
C LEU A 230 -7.95 -5.35 23.34
N GLU A 231 -9.21 -5.74 23.12
CA GLU A 231 -9.46 -7.10 22.64
C GLU A 231 -8.81 -7.34 21.29
N HIS A 232 -9.02 -6.43 20.34
CA HIS A 232 -8.51 -6.67 19.00
C HIS A 232 -6.99 -6.50 18.93
N TYR A 233 -6.37 -5.86 19.92
CA TYR A 233 -4.92 -5.95 20.03
C TYR A 233 -4.48 -7.33 20.47
N ARG A 234 -5.26 -7.96 21.36
CA ARG A 234 -4.95 -9.32 21.80
C ARG A 234 -5.08 -10.31 20.65
N LYS A 235 -6.20 -10.26 19.92
CA LYS A 235 -6.39 -11.16 18.79
C LYS A 235 -5.26 -11.01 17.78
N ARG A 236 -4.78 -9.79 17.55
CA ARG A 236 -3.64 -9.59 16.65
C ARG A 236 -2.42 -10.34 17.15
N ASP A 237 -2.09 -10.21 18.44
CA ASP A 237 -0.92 -10.88 18.98
C ASP A 237 -1.04 -12.39 18.90
N HIS A 238 -2.24 -12.92 19.18
CA HIS A 238 -2.46 -14.34 19.01
C HIS A 238 -2.26 -14.76 17.56
N ALA A 239 -2.83 -13.99 16.61
CA ALA A 239 -2.74 -14.35 15.19
C ALA A 239 -1.30 -14.40 14.71
N GLN A 240 -0.49 -13.39 15.08
CA GLN A 240 0.90 -13.38 14.63
C GLN A 240 1.63 -14.64 15.09
N GLN A 241 1.35 -15.10 16.31
CA GLN A 241 2.02 -16.30 16.82
C GLN A 241 1.47 -17.56 16.19
N ALA A 242 0.14 -17.65 16.04
CA ALA A 242 -0.47 -18.81 15.41
C ALA A 242 -0.03 -18.94 13.95
N ILE A 243 -0.05 -17.83 13.20
CA ILE A 243 0.33 -17.90 11.78
C ILE A 243 1.82 -18.17 11.64
N SER A 244 2.66 -17.42 12.36
CA SER A 244 4.09 -17.66 12.20
C SER A 244 4.44 -19.05 12.69
N GLY A 245 3.76 -19.54 13.74
CA GLY A 245 3.96 -20.91 14.18
C GLY A 245 3.58 -21.91 13.12
N THR A 246 2.49 -21.65 12.40
CA THR A 246 2.12 -22.53 11.30
C THR A 246 3.16 -22.52 10.18
N TYR A 247 3.69 -21.35 9.81
CA TYR A 247 4.74 -21.32 8.78
C TYR A 247 5.99 -22.06 9.25
N MET A 248 6.37 -21.89 10.52
CA MET A 248 7.53 -22.61 11.03
C MET A 248 7.31 -24.12 10.99
N SER A 249 6.12 -24.56 11.39
CA SER A 249 5.75 -25.96 11.31
C SER A 249 5.89 -26.49 9.87
N LEU A 250 5.35 -25.76 8.89
CA LEU A 250 5.53 -26.16 7.49
C LEU A 250 7.00 -26.12 7.09
N ILE A 251 7.73 -25.10 7.53
CA ILE A 251 9.15 -25.03 7.20
C ILE A 251 9.88 -26.26 7.72
N LYS A 252 9.60 -26.67 8.97
CA LYS A 252 10.27 -27.82 9.55
C LYS A 252 9.92 -29.10 8.81
N GLU A 253 8.62 -29.33 8.53
CA GLU A 253 8.24 -30.52 7.77
C GLU A 253 9.00 -30.59 6.46
N ARG A 254 9.09 -29.47 5.75
CA ARG A 254 9.85 -29.47 4.50
C ARG A 254 11.30 -29.87 4.74
N ARG A 255 11.88 -29.45 5.87
CA ARG A 255 13.30 -29.71 6.07
C ARG A 255 13.55 -31.18 6.40
N GLU A 256 12.70 -31.77 7.23
CA GLU A 256 12.73 -33.21 7.46
C GLU A 256 12.72 -34.00 6.14
N LYS A 257 11.70 -33.77 5.30
CA LYS A 257 11.59 -34.51 4.04
C LYS A 257 12.63 -34.09 3.03
N ASN A 258 13.39 -33.03 3.32
CA ASN A 258 14.14 -32.30 2.30
C ASN A 258 13.27 -31.97 1.09
N ASP A 259 12.01 -31.62 1.34
CA ASP A 259 11.09 -31.22 0.26
C ASP A 259 11.22 -29.71 0.06
N ILE A 260 12.31 -29.32 -0.60
CA ILE A 260 12.73 -27.94 -0.78
C ILE A 260 12.94 -27.75 -2.27
N GLN A 261 12.01 -27.08 -2.95
CA GLN A 261 12.12 -27.03 -4.40
C GLN A 261 12.21 -25.61 -4.93
N ASN A 262 11.58 -25.34 -6.06
CA ASN A 262 11.61 -24.00 -6.61
C ASN A 262 10.21 -23.45 -6.79
N ARG A 263 9.33 -23.67 -5.81
CA ARG A 263 7.91 -23.43 -6.01
C ARG A 263 7.44 -22.07 -5.52
N ASP A 264 7.93 -21.63 -4.37
CA ASP A 264 7.32 -20.50 -3.69
C ASP A 264 8.37 -19.76 -2.84
N LEU A 265 7.90 -18.76 -2.11
CA LEU A 265 8.82 -17.93 -1.36
C LEU A 265 9.38 -18.69 -0.16
N ILE A 266 8.63 -19.66 0.37
CA ILE A 266 9.16 -20.47 1.46
C ILE A 266 10.34 -21.30 0.99
N ASP A 267 10.24 -21.92 -0.20
CA ASP A 267 11.39 -22.63 -0.75
C ASP A 267 12.59 -21.71 -0.85
N GLU A 268 12.38 -20.49 -1.35
CA GLU A 268 13.49 -19.58 -1.61
C GLU A 268 14.19 -19.16 -0.33
N LEU A 269 13.41 -18.77 0.69
CA LEU A 269 14.01 -18.32 1.94
C LEU A 269 14.71 -19.47 2.65
N MET A 270 14.16 -20.69 2.56
CA MET A 270 14.84 -21.83 3.17
C MET A 270 16.20 -22.06 2.55
N LYS A 271 16.36 -21.77 1.27
CA LYS A 271 17.63 -21.98 0.59
C LYS A 271 18.53 -20.75 0.59
N ASN A 272 18.00 -19.55 0.81
CA ASN A 272 18.75 -18.34 0.52
C ASN A 272 18.29 -17.27 1.50
N SER A 273 18.75 -17.37 2.74
CA SER A 273 18.48 -16.35 3.73
C SER A 273 19.68 -16.26 4.68
N THR A 274 20.86 -16.28 4.08
CA THR A 274 22.15 -16.17 4.74
C THR A 274 22.73 -14.80 4.45
N TYR A 275 23.00 -14.05 5.51
CA TYR A 275 23.53 -12.70 5.37
C TYR A 275 24.97 -12.73 4.86
N LYS A 276 25.46 -11.56 4.44
CA LYS A 276 26.82 -11.46 3.93
C LYS A 276 27.85 -11.83 4.99
N ASP A 277 27.54 -11.63 6.27
CA ASP A 277 28.47 -11.96 7.32
C ASP A 277 28.43 -13.44 7.73
N GLY A 278 27.79 -14.31 6.94
CA GLY A 278 27.75 -15.72 7.22
C GLY A 278 26.68 -16.14 8.19
N THR A 279 26.12 -15.21 8.94
CA THR A 279 25.00 -15.50 9.81
C THR A 279 23.73 -15.71 8.95
N LYS A 280 22.61 -16.10 9.57
CA LYS A 280 21.46 -16.49 8.74
C LYS A 280 20.16 -16.38 9.53
N MET A 281 19.04 -16.32 8.79
CA MET A 281 17.74 -16.11 9.42
C MET A 281 17.26 -17.38 10.14
N THR A 282 16.66 -17.19 11.31
CA THR A 282 16.01 -18.30 12.00
C THR A 282 14.67 -18.62 11.34
N ASP A 283 14.14 -19.81 11.65
CA ASP A 283 12.81 -20.15 11.12
C ASP A 283 11.76 -19.15 11.59
N GLN A 284 11.86 -18.70 12.85
CA GLN A 284 10.90 -17.71 13.35
C GLN A 284 10.97 -16.43 12.54
N GLU A 285 12.18 -16.06 12.11
CA GLU A 285 12.36 -14.84 11.34
C GLU A 285 11.92 -15.03 9.89
N ILE A 286 12.19 -16.21 9.32
CA ILE A 286 11.66 -16.50 7.98
C ILE A 286 10.13 -16.39 8.01
N ALA A 287 9.50 -16.98 9.03
CA ALA A 287 8.05 -16.92 9.12
C ALA A 287 7.55 -15.48 9.32
N ASN A 288 8.24 -14.69 10.15
CA ASN A 288 7.82 -13.30 10.33
C ASN A 288 7.99 -12.50 9.04
N LEU A 289 9.05 -12.81 8.27
CA LEU A 289 9.25 -12.14 7.01
C LEU A 289 8.15 -12.52 6.01
N LEU A 290 7.75 -13.79 5.99
CA LEU A 290 6.65 -14.19 5.13
C LEU A 290 5.39 -13.41 5.45
N ILE A 291 5.11 -13.19 6.75
CA ILE A 291 3.92 -12.43 7.11
C ILE A 291 3.99 -11.02 6.54
N GLY A 292 5.17 -10.39 6.64
CA GLY A 292 5.30 -9.01 6.21
C GLY A 292 5.18 -8.86 4.70
N VAL A 293 5.77 -9.78 3.94
CA VAL A 293 5.69 -9.73 2.48
C VAL A 293 4.25 -9.90 2.02
N LEU A 294 3.52 -10.90 2.56
CA LEU A 294 2.12 -11.07 2.18
C LEU A 294 1.30 -9.84 2.55
N MET A 295 1.53 -9.31 3.75
CA MET A 295 0.77 -8.13 4.17
C MET A 295 1.07 -6.92 3.29
N GLY A 296 2.31 -6.77 2.83
CA GLY A 296 2.63 -5.65 1.96
C GLY A 296 1.99 -5.75 0.58
N GLY A 297 1.71 -6.95 0.13
CA GLY A 297 1.01 -7.03 -1.14
C GLY A 297 -0.49 -7.03 -1.03
N GLN A 298 -1.05 -7.10 0.18
CA GLN A 298 -2.47 -7.40 0.34
C GLN A 298 -3.33 -6.17 0.06
N HIS A 299 -3.11 -5.10 0.81
CA HIS A 299 -3.98 -3.94 0.72
C HIS A 299 -3.70 -3.13 -0.54
N THR A 300 -2.42 -2.90 -0.84
CA THR A 300 -2.04 -2.18 -2.06
C THR A 300 -2.62 -2.85 -3.31
N SER A 301 -2.54 -4.18 -3.40
CA SER A 301 -2.97 -4.80 -4.63
C SER A 301 -4.51 -4.89 -4.71
N ALA A 302 -5.16 -5.27 -3.59
CA ALA A 302 -6.62 -5.34 -3.57
C ALA A 302 -7.25 -3.98 -3.84
N ALA A 303 -6.73 -2.93 -3.18
CA ALA A 303 -7.20 -1.58 -3.48
C ALA A 303 -7.09 -1.28 -4.97
N THR A 304 -5.94 -1.62 -5.58
CA THR A 304 -5.68 -1.26 -6.98
C THR A 304 -6.60 -2.00 -7.96
N SER A 305 -6.80 -3.32 -7.79
CA SER A 305 -7.71 -3.97 -8.72
C SER A 305 -9.16 -3.50 -8.52
N ALA A 306 -9.55 -3.17 -7.29
CA ALA A 306 -10.86 -2.56 -7.09
C ALA A 306 -11.00 -1.29 -7.93
N TRP A 307 -10.00 -0.41 -7.89
CA TRP A 307 -10.07 0.83 -8.68
C TRP A 307 -10.05 0.55 -10.18
N CYS A 308 -9.30 -0.46 -10.64
CA CYS A 308 -9.35 -0.81 -12.05
C CYS A 308 -10.78 -1.16 -12.46
N LEU A 309 -11.40 -2.09 -11.73
CA LEU A 309 -12.76 -2.51 -12.08
C LEU A 309 -13.72 -1.32 -12.07
N LEU A 310 -13.55 -0.40 -11.10
CA LEU A 310 -14.43 0.75 -11.01
C LEU A 310 -14.20 1.76 -12.14
N HIS A 311 -12.94 2.03 -12.49
CA HIS A 311 -12.73 2.94 -13.61
C HIS A 311 -13.17 2.32 -14.92
N LEU A 312 -13.03 1.00 -15.08
CA LEU A 312 -13.50 0.38 -16.30
C LEU A 312 -15.02 0.22 -16.32
N ALA A 313 -15.66 0.25 -15.15
CA ALA A 313 -17.11 0.09 -15.11
C ALA A 313 -17.81 1.16 -15.93
N GLU A 314 -17.27 2.37 -15.95
CA GLU A 314 -17.86 3.47 -16.69
C GLU A 314 -17.19 3.70 -18.04
N ARG A 315 -16.50 2.72 -18.58
CA ARG A 315 -15.73 2.89 -19.81
C ARG A 315 -15.80 1.62 -20.65
N PRO A 316 -16.98 1.29 -21.18
CA PRO A 316 -17.06 0.11 -22.06
C PRO A 316 -16.19 0.23 -23.31
N ASP A 317 -15.82 1.46 -23.72
CA ASP A 317 -14.87 1.62 -24.82
C ASP A 317 -13.49 1.08 -24.43
N VAL A 318 -13.03 1.37 -23.21
CA VAL A 318 -11.73 0.87 -22.77
C VAL A 318 -11.78 -0.65 -22.59
N GLN A 319 -12.86 -1.17 -21.99
CA GLN A 319 -13.04 -2.61 -21.90
C GLN A 319 -12.95 -3.27 -23.26
N GLU A 320 -13.52 -2.63 -24.30
CA GLU A 320 -13.53 -3.26 -25.62
C GLU A 320 -12.15 -3.20 -26.24
N GLU A 321 -11.45 -2.08 -26.05
CA GLU A 321 -10.08 -1.94 -26.51
C GLU A 321 -9.17 -2.97 -25.85
N LEU A 322 -9.32 -3.19 -24.54
CA LEU A 322 -8.52 -4.20 -23.86
C LEU A 322 -8.89 -5.61 -24.33
N TYR A 323 -10.20 -5.84 -24.58
CA TYR A 323 -10.63 -7.15 -25.05
C TYR A 323 -10.01 -7.47 -26.42
N GLN A 324 -9.92 -6.47 -27.30
CA GLN A 324 -9.27 -6.66 -28.58
C GLN A 324 -7.81 -7.06 -28.42
N GLU A 325 -7.09 -6.38 -27.51
CA GLU A 325 -5.69 -6.76 -27.28
C GLU A 325 -5.60 -8.19 -26.74
N GLN A 326 -6.50 -8.56 -25.83
CA GLN A 326 -6.53 -9.95 -25.34
C GLN A 326 -6.72 -10.93 -26.48
N MET A 327 -7.60 -10.63 -27.43
CA MET A 327 -7.84 -11.56 -28.56
C MET A 327 -6.62 -11.62 -29.51
N ARG A 328 -5.90 -10.50 -29.69
CA ARG A 328 -4.65 -10.56 -30.47
C ARG A 328 -3.60 -11.40 -29.76
N VAL A 329 -3.32 -11.10 -28.50
CA VAL A 329 -2.18 -11.75 -27.84
C VAL A 329 -2.48 -13.22 -27.58
N LEU A 330 -3.70 -13.56 -27.18
CA LEU A 330 -4.04 -14.93 -26.83
C LEU A 330 -4.76 -15.68 -27.95
N ASN A 331 -4.69 -15.17 -29.19
CA ASN A 331 -5.16 -15.90 -30.38
C ASN A 331 -6.63 -16.23 -30.27
N ASN A 332 -7.43 -15.20 -29.99
CA ASN A 332 -8.88 -15.33 -29.87
C ASN A 332 -9.27 -16.29 -28.77
N ASP A 333 -8.45 -16.33 -27.72
CA ASP A 333 -8.72 -17.05 -26.49
C ASP A 333 -8.60 -18.55 -26.70
N THR A 334 -7.66 -18.94 -27.55
CA THR A 334 -7.27 -20.35 -27.68
C THR A 334 -5.90 -20.65 -27.07
N LYS A 335 -5.12 -19.64 -26.74
CA LYS A 335 -3.84 -19.80 -26.06
C LYS A 335 -4.03 -19.58 -24.56
N GLU A 336 -3.57 -20.54 -23.77
CA GLU A 336 -3.47 -20.34 -22.32
C GLU A 336 -2.56 -19.15 -21.99
N LEU A 337 -2.98 -18.36 -21.01
CA LEU A 337 -2.19 -17.21 -20.57
C LEU A 337 -0.86 -17.64 -19.97
N THR A 338 0.21 -16.92 -20.32
CA THR A 338 1.56 -17.13 -19.78
C THR A 338 2.16 -15.78 -19.41
N TYR A 339 3.28 -15.83 -18.69
CA TYR A 339 3.92 -14.59 -18.29
C TYR A 339 4.40 -13.78 -19.48
N ASP A 340 4.96 -14.46 -20.50
CA ASP A 340 5.36 -13.73 -21.70
C ASP A 340 4.20 -13.02 -22.38
N ASP A 341 2.99 -13.59 -22.37
CA ASP A 341 1.83 -12.88 -22.93
C ASP A 341 1.55 -11.58 -22.17
N LEU A 342 1.69 -11.57 -20.84
CA LEU A 342 1.47 -10.31 -20.11
C LEU A 342 2.46 -9.25 -20.53
N GLN A 343 3.71 -9.64 -20.76
CA GLN A 343 4.71 -8.69 -21.23
C GLN A 343 4.36 -8.13 -22.60
N ASN A 344 3.47 -8.80 -23.33
CA ASN A 344 3.03 -8.31 -24.63
C ASN A 344 1.61 -7.77 -24.62
N MET A 345 1.10 -7.33 -23.48
CA MET A 345 -0.20 -6.67 -23.40
C MET A 345 0.04 -5.24 -22.95
N PRO A 346 0.58 -4.40 -23.84
CA PRO A 346 0.90 -3.02 -23.44
C PRO A 346 -0.30 -2.25 -22.90
N LEU A 347 -1.48 -2.38 -23.51
CA LEU A 347 -2.62 -1.57 -23.09
C LEU A 347 -3.12 -1.99 -21.71
N LEU A 348 -3.12 -3.30 -21.43
CA LEU A 348 -3.45 -3.79 -20.10
C LEU A 348 -2.53 -3.18 -19.04
N ASN A 349 -1.23 -3.13 -19.32
CA ASN A 349 -0.28 -2.59 -18.37
C ASN A 349 -0.36 -1.06 -18.27
N GLN A 350 -0.72 -0.38 -19.36
CA GLN A 350 -0.95 1.05 -19.25
C GLN A 350 -2.19 1.35 -18.43
N MET A 351 -3.18 0.44 -18.49
CA MET A 351 -4.39 0.60 -17.68
C MET A 351 -4.08 0.49 -16.19
N ILE A 352 -3.26 -0.50 -15.80
CA ILE A 352 -2.78 -0.58 -14.42
C ILE A 352 -1.94 0.64 -14.06
N LYS A 353 -1.04 1.02 -14.96
CA LYS A 353 -0.19 2.18 -14.74
C LYS A 353 -1.02 3.43 -14.49
N GLU A 354 -2.15 3.57 -15.19
CA GLU A 354 -2.96 4.77 -15.09
C GLU A 354 -3.83 4.75 -13.83
N THR A 355 -4.34 3.57 -13.47
CA THR A 355 -5.05 3.41 -12.20
C THR A 355 -4.16 3.80 -11.02
N LEU A 356 -2.90 3.33 -11.05
CA LEU A 356 -1.95 3.66 -9.99
C LEU A 356 -1.59 5.13 -9.98
N ARG A 357 -1.62 5.81 -11.14
CA ARG A 357 -1.49 7.27 -11.12
C ARG A 357 -2.63 7.90 -10.35
N LEU A 358 -3.88 7.59 -10.74
CA LEU A 358 -5.05 8.23 -10.14
C LEU A 358 -5.25 7.84 -8.68
N HIS A 359 -4.83 6.63 -8.29
CA HIS A 359 -5.08 6.10 -6.95
C HIS A 359 -3.81 5.43 -6.39
N HIS A 360 -2.82 6.23 -6.03
CA HIS A 360 -1.68 5.68 -5.31
C HIS A 360 -2.19 5.11 -3.99
N PRO A 361 -2.03 3.81 -3.72
CA PRO A 361 -2.63 3.26 -2.49
C PRO A 361 -2.05 3.85 -1.21
N LEU A 362 -0.84 4.40 -1.22
CA LEU A 362 -0.21 4.94 0.00
C LEU A 362 -0.06 6.45 -0.20
N HIS A 363 -0.98 7.24 0.34
CA HIS A 363 -0.90 8.67 0.05
C HIS A 363 0.23 9.35 0.79
N SER A 364 0.73 8.77 1.89
CA SER A 364 1.77 9.42 2.67
C SER A 364 2.81 8.39 3.09
N LEU A 365 4.09 8.70 2.85
CA LEU A 365 5.19 7.89 3.34
C LEU A 365 5.98 8.72 4.34
N PHE A 366 6.51 8.06 5.38
CA PHE A 366 7.05 8.77 6.53
C PHE A 366 8.46 8.32 6.81
N ARG A 367 9.25 9.24 7.37
CA ARG A 367 10.54 8.94 7.97
C ARG A 367 10.67 9.76 9.24
N LYS A 368 11.29 9.20 10.26
CA LYS A 368 11.55 9.97 11.47
C LYS A 368 12.91 10.67 11.37
N VAL A 369 12.93 11.96 11.68
CA VAL A 369 14.16 12.75 11.65
C VAL A 369 15.02 12.36 12.85
N MET A 370 16.24 11.88 12.60
CA MET A 370 17.12 11.36 13.64
C MET A 370 18.12 12.40 14.14
N ARG A 371 18.33 13.47 13.40
CA ARG A 371 19.19 14.56 13.81
C ARG A 371 18.82 15.75 12.94
N ASP A 372 19.04 16.96 13.45
CA ASP A 372 18.67 18.16 12.69
C ASP A 372 19.16 18.04 11.25
N VAL A 373 18.25 18.31 10.32
CA VAL A 373 18.56 18.29 8.88
C VAL A 373 18.26 19.66 8.31
N ALA A 374 19.26 20.29 7.72
CA ALA A 374 19.04 21.47 6.91
C ALA A 374 18.38 21.06 5.59
N ILE A 375 17.50 21.91 5.08
CA ILE A 375 16.87 21.70 3.77
C ILE A 375 17.60 22.57 2.75
N PRO A 376 18.26 21.99 1.75
CA PRO A 376 19.05 22.79 0.80
C PRO A 376 18.22 23.88 0.14
N ASN A 377 18.85 25.06 -0.03
CA ASN A 377 18.28 26.21 -0.74
C ASN A 377 17.06 26.81 -0.03
N THR A 378 16.97 26.59 1.28
CA THR A 378 16.02 27.29 2.14
C THR A 378 16.78 27.70 3.39
N SER A 379 16.10 28.42 4.27
CA SER A 379 16.64 28.65 5.60
C SER A 379 16.07 27.68 6.62
N TYR A 380 15.31 26.67 6.18
CA TYR A 380 14.66 25.75 7.09
C TYR A 380 15.64 24.71 7.61
N VAL A 381 15.52 24.38 8.90
CA VAL A 381 16.09 23.19 9.51
C VAL A 381 14.94 22.36 10.08
N VAL A 382 14.91 21.07 9.78
CA VAL A 382 13.95 20.14 10.38
C VAL A 382 14.63 19.48 11.58
N PRO A 383 14.12 19.66 12.81
CA PRO A 383 14.85 19.17 13.98
C PRO A 383 14.59 17.71 14.29
N ARG A 384 15.53 17.13 15.03
CA ARG A 384 15.40 15.77 15.53
C ARG A 384 14.03 15.59 16.17
N ASP A 385 13.38 14.46 15.86
CA ASP A 385 12.12 13.96 16.40
C ASP A 385 10.89 14.42 15.62
N TYR A 386 11.03 15.37 14.70
CA TYR A 386 9.96 15.55 13.72
C TYR A 386 9.88 14.33 12.81
N HIS A 387 8.83 14.29 12.00
CA HIS A 387 8.72 13.35 10.90
C HIS A 387 8.72 14.13 9.58
N VAL A 388 9.29 13.53 8.56
CA VAL A 388 9.15 14.06 7.21
C VAL A 388 8.13 13.20 6.49
N LEU A 389 7.37 13.83 5.61
CA LEU A 389 6.27 13.17 4.91
C LEU A 389 6.44 13.46 3.43
N VAL A 390 6.55 12.40 2.61
CA VAL A 390 6.66 12.53 1.17
C VAL A 390 5.39 11.95 0.55
N SER A 391 4.89 12.58 -0.53
CA SER A 391 3.60 12.20 -1.10
C SER A 391 3.64 12.19 -2.61
N PRO A 392 4.23 11.15 -3.23
CA PRO A 392 4.18 11.06 -4.70
C PRO A 392 2.76 11.06 -5.26
N GLY A 393 1.81 10.48 -4.51
CA GLY A 393 0.43 10.48 -4.97
C GLY A 393 -0.14 11.87 -5.20
N TYR A 394 0.36 12.86 -4.45
CA TYR A 394 -0.02 14.25 -4.72
C TYR A 394 0.43 14.67 -6.11
N THR A 395 1.68 14.35 -6.46
CA THR A 395 2.23 14.75 -7.74
C THR A 395 1.56 14.03 -8.92
N HIS A 396 1.08 12.79 -8.71
CA HIS A 396 0.31 12.08 -9.74
C HIS A 396 -0.88 12.89 -10.21
N LEU A 397 -1.45 13.71 -9.33
CA LEU A 397 -2.71 14.39 -9.57
C LEU A 397 -2.52 15.85 -9.97
N GLN A 398 -1.31 16.26 -10.32
CA GLN A 398 -0.98 17.67 -10.56
C GLN A 398 -1.03 18.01 -12.05
N GLU A 399 -1.77 19.07 -12.39
CA GLU A 399 -1.88 19.47 -13.79
C GLU A 399 -0.52 19.72 -14.43
N GLU A 400 0.44 20.32 -13.70
N GLU A 400 0.43 20.32 -13.68
CA GLU A 400 1.72 20.61 -14.33
CA GLU A 400 1.75 20.60 -14.23
C GLU A 400 2.49 19.37 -14.73
C GLU A 400 2.46 19.37 -14.75
N PHE A 401 2.17 18.20 -14.19
CA PHE A 401 2.80 16.96 -14.62
C PHE A 401 1.91 16.09 -15.47
N PHE A 402 0.60 16.16 -15.29
CA PHE A 402 -0.33 15.32 -16.03
C PHE A 402 -1.53 16.16 -16.45
N PRO A 403 -1.59 16.58 -17.71
CA PRO A 403 -2.73 17.38 -18.18
C PRO A 403 -4.05 16.66 -17.95
N LYS A 404 -5.05 17.43 -17.46
CA LYS A 404 -6.35 16.92 -17.02
C LYS A 404 -6.13 15.75 -16.07
N PRO A 405 -5.56 16.02 -14.90
CA PRO A 405 -5.06 14.92 -14.05
C PRO A 405 -6.14 14.02 -13.51
N ASN A 406 -7.39 14.46 -13.46
CA ASN A 406 -8.46 13.63 -12.93
C ASN A 406 -9.09 12.72 -13.96
N GLU A 407 -8.67 12.80 -15.21
CA GLU A 407 -9.26 11.95 -16.22
C GLU A 407 -8.48 10.66 -16.37
N PHE A 408 -9.21 9.58 -16.55
CA PHE A 408 -8.62 8.25 -16.71
C PHE A 408 -8.34 8.05 -18.19
N ASN A 409 -7.07 8.15 -18.58
CA ASN A 409 -6.67 8.04 -19.98
C ASN A 409 -5.47 7.10 -20.10
N ILE A 410 -5.71 5.85 -20.48
CA ILE A 410 -4.62 4.89 -20.53
C ILE A 410 -3.64 5.21 -21.64
N HIS A 411 -4.02 6.05 -22.60
CA HIS A 411 -3.08 6.35 -23.68
C HIS A 411 -2.07 7.44 -23.33
N ARG A 412 -2.16 8.09 -22.16
CA ARG A 412 -1.03 8.95 -21.82
C ARG A 412 0.26 8.17 -21.64
N TRP A 413 0.19 6.84 -21.48
CA TRP A 413 1.37 6.01 -21.35
C TRP A 413 1.80 5.32 -22.66
N ASP A 414 1.26 5.74 -23.80
CA ASP A 414 1.69 5.18 -25.08
C ASP A 414 3.18 5.42 -25.30
N GLY A 415 3.91 4.36 -25.63
CA GLY A 415 5.34 4.51 -25.86
C GLY A 415 6.09 3.21 -26.12
N GLY A 425 19.06 6.71 -16.79
CA GLY A 425 19.94 7.40 -15.87
C GLY A 425 20.90 6.48 -15.12
N ASP A 426 21.48 6.99 -14.03
CA ASP A 426 22.44 6.24 -13.24
C ASP A 426 21.72 5.28 -12.29
N GLU A 427 22.46 4.25 -11.86
CA GLU A 427 21.93 3.23 -10.98
C GLU A 427 22.76 3.15 -9.70
N VAL A 428 22.15 2.60 -8.66
CA VAL A 428 22.78 2.42 -7.37
C VAL A 428 22.26 1.10 -6.80
N ASP A 429 23.07 0.45 -5.97
CA ASP A 429 22.70 -0.84 -5.39
C ASP A 429 22.83 -0.68 -3.88
N TYR A 430 21.70 -0.72 -3.18
CA TYR A 430 21.70 -0.62 -1.73
C TYR A 430 21.84 -1.97 -1.09
N GLY A 431 21.99 -3.01 -1.90
CA GLY A 431 22.08 -4.36 -1.40
C GLY A 431 21.01 -5.29 -1.91
N PHE A 432 19.98 -4.81 -2.63
CA PHE A 432 18.97 -5.73 -3.16
C PHE A 432 18.84 -5.62 -4.67
N GLY A 433 19.87 -5.13 -5.36
CA GLY A 433 19.78 -5.02 -6.79
C GLY A 433 19.92 -3.59 -7.26
N ALA A 434 20.33 -3.39 -8.51
CA ALA A 434 20.50 -2.05 -9.06
C ALA A 434 19.14 -1.41 -9.30
N ILE A 435 18.96 -0.20 -8.79
CA ILE A 435 17.73 0.55 -8.98
C ILE A 435 18.11 1.96 -9.40
N SER A 436 17.11 2.73 -9.78
CA SER A 436 17.35 4.09 -10.23
C SER A 436 17.96 4.93 -9.11
N LYS A 437 19.01 5.68 -9.45
CA LYS A 437 19.70 6.51 -8.47
C LYS A 437 18.89 7.75 -8.14
N GLY A 438 18.27 8.38 -9.13
CA GLY A 438 17.44 9.53 -8.89
C GLY A 438 15.98 9.17 -8.72
N VAL A 439 15.24 10.05 -8.05
CA VAL A 439 13.82 9.82 -7.77
C VAL A 439 13.02 11.09 -8.05
N SER A 440 13.50 11.91 -8.95
CA SER A 440 12.85 13.17 -9.30
C SER A 440 11.61 13.00 -10.18
N SER A 441 11.20 11.78 -10.49
CA SER A 441 10.00 11.63 -11.31
C SER A 441 8.77 12.05 -10.53
N PRO A 442 7.78 12.66 -11.18
CA PRO A 442 6.53 12.97 -10.50
C PRO A 442 5.67 11.74 -10.25
N TYR A 443 6.04 10.60 -10.83
CA TYR A 443 5.26 9.36 -10.80
C TYR A 443 6.04 8.31 -10.03
N LEU A 444 5.63 8.00 -8.81
CA LEU A 444 6.35 7.01 -8.00
C LEU A 444 5.38 6.13 -7.22
N PRO A 445 4.58 5.32 -7.92
CA PRO A 445 3.64 4.43 -7.19
C PRO A 445 4.34 3.47 -6.25
N PHE A 446 5.59 3.11 -6.56
CA PHE A 446 6.33 2.12 -5.80
C PHE A 446 7.51 2.73 -5.03
N GLY A 447 7.51 4.06 -4.83
CA GLY A 447 8.57 4.69 -4.05
C GLY A 447 9.88 4.78 -4.83
N GLY A 448 10.96 5.00 -4.09
CA GLY A 448 12.29 5.12 -4.64
C GLY A 448 13.32 5.07 -3.53
N GLY A 449 14.58 4.98 -3.94
CA GLY A 449 15.65 4.90 -2.94
C GLY A 449 15.67 3.57 -2.22
N ARG A 450 16.32 3.56 -1.06
CA ARG A 450 16.62 2.30 -0.40
C ARG A 450 15.37 1.54 0.05
N HIS A 451 14.25 2.22 0.31
CA HIS A 451 13.04 1.54 0.77
C HIS A 451 12.05 1.27 -0.35
N ARG A 452 12.51 1.37 -1.59
CA ARG A 452 11.64 1.18 -2.75
C ARG A 452 11.01 -0.22 -2.75
N CYS A 453 9.82 -0.31 -3.33
CA CYS A 453 9.10 -1.58 -3.35
C CYS A 453 9.86 -2.64 -4.15
N ILE A 454 9.93 -3.85 -3.62
CA ILE A 454 10.44 -4.98 -4.38
C ILE A 454 9.34 -5.86 -4.93
N GLY A 455 8.07 -5.48 -4.73
CA GLY A 455 6.92 -6.25 -5.17
C GLY A 455 6.32 -5.76 -6.46
N GLU A 456 6.93 -4.75 -7.10
CA GLU A 456 6.29 -4.09 -8.21
C GLU A 456 5.98 -5.06 -9.35
N LEU A 457 6.92 -5.95 -9.69
CA LEU A 457 6.64 -6.87 -10.79
C LEU A 457 5.69 -7.98 -10.37
N PHE A 458 5.73 -8.40 -9.10
CA PHE A 458 4.69 -9.31 -8.64
C PHE A 458 3.33 -8.66 -8.77
N ALA A 459 3.22 -7.38 -8.38
CA ALA A 459 1.94 -6.70 -8.46
C ALA A 459 1.46 -6.64 -9.90
N TYR A 460 2.34 -6.28 -10.83
CA TYR A 460 1.95 -6.25 -12.23
C TYR A 460 1.57 -7.65 -12.70
N CYS A 461 2.24 -8.67 -12.20
CA CYS A 461 1.90 -10.04 -12.58
C CYS A 461 0.52 -10.42 -12.06
N GLN A 462 0.28 -10.22 -10.78
CA GLN A 462 -1.00 -10.51 -10.15
C GLN A 462 -2.13 -9.69 -10.76
N LEU A 463 -1.98 -8.36 -10.78
CA LEU A 463 -3.00 -7.50 -11.37
C LEU A 463 -3.22 -7.81 -12.83
N GLY A 464 -2.16 -8.19 -13.55
CA GLY A 464 -2.28 -8.45 -14.97
C GLY A 464 -3.04 -9.72 -15.27
N VAL A 465 -2.74 -10.80 -14.55
CA VAL A 465 -3.55 -12.01 -14.68
C VAL A 465 -5.02 -11.71 -14.36
N LEU A 466 -5.24 -10.96 -13.28
CA LEU A 466 -6.60 -10.72 -12.80
C LEU A 466 -7.41 -9.91 -13.82
N MET A 467 -6.87 -8.78 -14.25
CA MET A 467 -7.60 -7.99 -15.23
C MET A 467 -7.67 -8.68 -16.58
N SER A 468 -6.65 -9.45 -16.96
CA SER A 468 -6.76 -10.22 -18.18
C SER A 468 -7.95 -11.17 -18.13
N ILE A 469 -8.17 -11.82 -16.98
CA ILE A 469 -9.26 -12.78 -16.88
C ILE A 469 -10.62 -12.07 -16.73
N PHE A 470 -10.68 -10.99 -15.94
CA PHE A 470 -11.92 -10.23 -15.88
C PHE A 470 -12.35 -9.77 -17.27
N ILE A 471 -11.44 -9.17 -18.03
CA ILE A 471 -11.78 -8.69 -19.36
C ILE A 471 -12.25 -9.84 -20.25
N ARG A 472 -11.58 -10.99 -20.22
CA ARG A 472 -11.99 -12.07 -21.11
C ARG A 472 -13.25 -12.78 -20.65
N THR A 473 -13.58 -12.73 -19.37
CA THR A 473 -14.72 -13.48 -18.87
C THR A 473 -16.01 -12.68 -18.79
N MET A 474 -15.95 -11.36 -18.59
CA MET A 474 -17.11 -10.56 -18.22
C MET A 474 -17.09 -9.24 -18.95
N LYS A 475 -18.29 -8.68 -19.11
CA LYS A 475 -18.48 -7.25 -19.26
C LYS A 475 -19.12 -6.74 -17.98
N TRP A 476 -18.85 -5.51 -17.62
CA TRP A 476 -19.47 -4.99 -16.41
C TRP A 476 -19.69 -3.50 -16.57
N ARG A 477 -20.56 -2.97 -15.73
CA ARG A 477 -20.86 -1.54 -15.68
C ARG A 477 -21.43 -1.26 -14.30
N TYR A 478 -21.77 0.02 -14.03
CA TYR A 478 -22.43 0.32 -12.77
C TYR A 478 -23.88 -0.14 -12.82
N PRO A 479 -24.48 -0.48 -11.67
CA PRO A 479 -25.87 -0.96 -11.70
C PRO A 479 -26.91 0.15 -11.95
N THR A 480 -26.53 1.42 -11.89
CA THR A 480 -27.45 2.54 -12.09
C THR A 480 -26.86 3.50 -13.11
N GLU A 481 -27.68 3.96 -14.05
CA GLU A 481 -27.19 4.90 -15.06
C GLU A 481 -26.70 6.19 -14.41
N GLY A 482 -25.71 6.81 -15.04
CA GLY A 482 -25.12 8.04 -14.54
C GLY A 482 -24.28 7.91 -13.29
N GLU A 483 -24.16 6.70 -12.72
CA GLU A 483 -23.28 6.48 -11.59
C GLU A 483 -21.83 6.54 -12.06
N THR A 484 -20.94 6.98 -11.16
CA THR A 484 -19.54 7.14 -11.53
C THR A 484 -18.59 6.48 -10.52
N VAL A 485 -17.30 6.74 -10.67
CA VAL A 485 -16.29 6.18 -9.76
C VAL A 485 -16.55 6.68 -8.34
N PRO A 486 -16.51 5.82 -7.32
CA PRO A 486 -16.80 6.27 -5.94
C PRO A 486 -15.71 7.19 -5.41
N PRO A 487 -15.99 7.98 -4.40
CA PRO A 487 -14.93 8.75 -3.74
C PRO A 487 -14.01 7.81 -2.96
N SER A 488 -12.86 8.35 -2.56
CA SER A 488 -11.85 7.60 -1.84
C SER A 488 -12.03 7.76 -0.35
N ASP A 489 -11.58 6.76 0.39
CA ASP A 489 -11.52 6.84 1.83
C ASP A 489 -10.03 6.84 2.20
N PHE A 490 -9.55 7.96 2.72
CA PHE A 490 -8.13 8.16 3.00
C PHE A 490 -7.78 7.91 4.45
N THR A 491 -8.69 7.36 5.24
CA THR A 491 -8.41 7.22 6.66
C THR A 491 -7.78 5.88 7.02
N SER A 492 -7.80 4.92 6.12
CA SER A 492 -7.35 3.55 6.38
C SER A 492 -5.87 3.39 6.06
N MET A 493 -5.41 2.14 6.00
CA MET A 493 -4.02 1.86 5.66
C MET A 493 -3.69 2.33 4.24
N VAL A 494 -4.54 1.97 3.28
CA VAL A 494 -4.39 2.41 1.91
C VAL A 494 -5.61 3.24 1.55
N THR A 495 -5.46 4.15 0.59
CA THR A 495 -6.63 4.82 0.09
C THR A 495 -7.38 3.80 -0.76
N LEU A 496 -8.64 3.59 -0.44
CA LEU A 496 -9.45 2.59 -1.11
C LEU A 496 -10.82 3.19 -1.34
N PRO A 497 -11.57 2.67 -2.31
CA PRO A 497 -12.88 3.25 -2.60
C PRO A 497 -13.84 3.10 -1.44
N THR A 498 -14.74 4.08 -1.31
CA THR A 498 -15.76 3.97 -0.28
C THR A 498 -16.64 2.75 -0.54
N ALA A 499 -16.78 1.90 0.47
CA ALA A 499 -17.55 0.67 0.41
C ALA A 499 -19.00 0.92 0.88
N PRO A 500 -19.98 0.21 0.30
CA PRO A 500 -19.84 -0.78 -0.78
C PRO A 500 -19.57 -0.11 -2.13
N ALA A 501 -19.01 -0.88 -3.06
CA ALA A 501 -18.66 -0.40 -4.41
C ALA A 501 -19.07 -1.51 -5.37
N LYS A 502 -20.30 -1.45 -5.83
CA LYS A 502 -20.91 -2.56 -6.53
C LYS A 502 -20.85 -2.33 -8.03
N ILE A 503 -20.62 -3.42 -8.78
CA ILE A 503 -20.72 -3.40 -10.24
C ILE A 503 -21.65 -4.50 -10.69
N TYR A 504 -22.29 -4.29 -11.85
CA TYR A 504 -23.11 -5.30 -12.50
C TYR A 504 -22.31 -5.97 -13.62
N TRP A 505 -22.18 -7.29 -13.58
CA TRP A 505 -21.38 -8.04 -14.53
C TRP A 505 -22.24 -9.06 -15.26
N GLU A 506 -21.84 -9.41 -16.49
CA GLU A 506 -22.38 -10.58 -17.16
C GLU A 506 -21.31 -11.34 -17.94
N LYS A 507 -21.49 -12.65 -17.98
CA LYS A 507 -20.54 -13.52 -18.67
C LYS A 507 -20.51 -13.19 -20.15
N ARG A 508 -19.31 -13.20 -20.73
CA ARG A 508 -19.20 -13.07 -22.17
C ARG A 508 -19.55 -14.36 -22.88
N HIS A 509 -19.49 -15.48 -22.17
CA HIS A 509 -19.73 -16.80 -22.77
C HIS A 509 -20.53 -17.62 -21.77
N PRO A 510 -21.85 -17.42 -21.74
CA PRO A 510 -22.69 -18.11 -20.72
C PRO A 510 -22.45 -19.60 -20.67
N GLU A 511 -22.19 -20.25 -21.81
CA GLU A 511 -21.99 -21.70 -21.81
C GLU A 511 -20.65 -22.11 -21.22
N GLN A 512 -19.74 -21.18 -20.98
CA GLN A 512 -18.41 -21.56 -20.52
C GLN A 512 -18.43 -21.90 -19.04
N LYS A 513 -17.78 -23.00 -18.69
CA LYS A 513 -17.63 -23.48 -17.32
C LYS A 513 -16.22 -23.20 -16.84
N TYR A 514 -16.10 -22.72 -15.59
CA TYR A 514 -14.83 -22.26 -15.04
C TYR A 514 -14.48 -23.04 -13.78
N GLY A 515 -13.19 -23.32 -13.62
CA GLY A 515 -12.69 -24.09 -12.49
C GLY A 515 -11.17 -24.18 -12.48
#